data_3P4A
#
_entry.id   3P4A
#
_cell.length_a   43.245
_cell.length_b   43.245
_cell.length_c   60.791
_cell.angle_alpha   90.00
_cell.angle_beta   90.00
_cell.angle_gamma   120.00
#
_symmetry.space_group_name_H-M   'P 3'
#
loop_
_entity.id
_entity.type
_entity.pdbx_description
1 polymer "2'Fluoro modified RNA 8-MER"
2 non-polymer 'STRONTIUM ION'
3 non-polymer 'MAGNESIUM ION'
4 water water
#
_entity_poly.entity_id   1
_entity_poly.type   'polyribonucleotide'
_entity_poly.pdbx_seq_one_letter_code
;(CFZ)(GF2)(AF2)(AF2)(UFT)(UFT)(CFZ)(GF2)
;
_entity_poly.pdbx_strand_id   A,B,C,D,E,F
#